data_1KIM
#
_entry.id   1KIM
#
_cell.length_a   113.400
_cell.length_b   116.600
_cell.length_c   108.200
_cell.angle_alpha   90.00
_cell.angle_beta   90.00
_cell.angle_gamma   90.00
#
_symmetry.space_group_name_H-M   'C 2 2 21'
#
loop_
_entity.id
_entity.type
_entity.pdbx_description
1 polymer 'THYMIDINE KINASE'
2 non-polymer 'SULFATE ION'
3 non-polymer THYMIDINE
4 water water
#
_entity_poly.entity_id   1
_entity_poly.type   'polypeptide(L)'
_entity_poly.pdbx_seq_one_letter_code
;SAFDQAARSRGHSNRRTALRPRRQQEATEVRPEQKMPTLLRVYIDGPHGMGKTTTTQLLVALGSRDDIVYVPEPMTYWRV
LGASETIANIYTTQHRLDQGEISAGDAAVVMTSAQITMGMPYAVTDAVLAPHIGGEAGSSHAPPPALTLIFDRHPIAALL
CYPAARYLMGSMTPQAVLAFVALIPPTLPGTNIVLGALPEDRHIDRLAKRQRPGERLDLAMLAAIRRVYGLLANTVRYLQ
CGGSWREDWGQLSGTAVPPQGAEPQSNAGPRPHIGDTLFTLFRAPELLAPNGDLYNVFAWALDVLAKRLRSMHVFILDYD
QSPAGCRDALLQLTSGMVQTHVTTPGSIPTICDLARTFAREMGEAN
;
_entity_poly.pdbx_strand_id   A,B
#
# COMPACT_ATOMS: atom_id res chain seq x y z
N MET A 36 -25.76 7.63 -15.68
CA MET A 36 -25.07 8.69 -14.86
C MET A 36 -24.09 9.44 -15.78
N PRO A 37 -23.83 10.73 -15.51
CA PRO A 37 -22.90 11.51 -16.36
C PRO A 37 -21.55 10.85 -16.52
N THR A 38 -20.72 11.35 -17.44
CA THR A 38 -19.41 10.75 -17.66
C THR A 38 -18.22 11.58 -17.22
N LEU A 39 -17.13 10.88 -16.95
CA LEU A 39 -15.91 11.53 -16.49
C LEU A 39 -14.70 11.06 -17.28
N LEU A 40 -13.78 11.99 -17.51
CA LEU A 40 -12.51 11.69 -18.18
C LEU A 40 -11.44 12.03 -17.15
N ARG A 41 -10.64 11.05 -16.72
CA ARG A 41 -9.57 11.28 -15.78
C ARG A 41 -8.29 11.23 -16.59
N VAL A 42 -7.40 12.19 -16.44
CA VAL A 42 -6.15 12.18 -17.21
C VAL A 42 -4.98 12.42 -16.27
N TYR A 43 -4.08 11.45 -16.14
CA TYR A 43 -2.92 11.62 -15.25
C TYR A 43 -1.65 11.97 -16.06
N ILE A 44 -1.17 13.21 -15.95
CA ILE A 44 0.05 13.59 -16.66
C ILE A 44 1.19 13.09 -15.81
N ASP A 45 2.01 12.19 -16.36
CA ASP A 45 3.10 11.59 -15.62
C ASP A 45 4.38 11.47 -16.47
N GLY A 46 5.47 11.10 -15.83
CA GLY A 46 6.73 10.92 -16.52
C GLY A 46 7.83 11.51 -15.68
N PRO A 47 9.05 11.55 -16.18
CA PRO A 47 10.13 12.12 -15.37
C PRO A 47 9.86 13.60 -15.07
N HIS A 48 10.49 14.08 -14.02
CA HIS A 48 10.39 15.47 -13.62
C HIS A 48 11.36 16.28 -14.49
N GLY A 49 11.12 17.58 -14.63
CA GLY A 49 11.99 18.43 -15.43
C GLY A 49 11.63 18.49 -16.91
N MET A 50 10.46 18.01 -17.29
CA MET A 50 10.04 18.02 -18.69
C MET A 50 9.07 19.18 -18.99
N GLY A 51 8.54 19.79 -17.93
CA GLY A 51 7.59 20.89 -18.08
C GLY A 51 6.14 20.48 -17.90
N LYS A 52 5.91 19.32 -17.30
CA LYS A 52 4.55 18.79 -17.11
C LYS A 52 3.58 19.71 -16.38
N THR A 53 3.93 20.09 -15.16
CA THR A 53 3.08 20.96 -14.37
C THR A 53 2.76 22.22 -15.18
N THR A 54 3.78 22.87 -15.73
CA THR A 54 3.57 24.07 -16.52
C THR A 54 2.59 23.92 -17.67
N THR A 55 2.77 22.90 -18.51
CA THR A 55 1.84 22.74 -19.62
C THR A 55 0.44 22.34 -19.21
N THR A 56 0.28 21.61 -18.11
CA THR A 56 -1.08 21.23 -17.69
C THR A 56 -1.88 22.41 -17.14
N GLN A 57 -1.19 23.36 -16.52
CA GLN A 57 -1.82 24.55 -15.95
C GLN A 57 -2.34 25.45 -17.05
N LEU A 58 -1.73 25.32 -18.21
CA LEU A 58 -2.10 26.08 -19.37
C LEU A 58 -3.39 25.54 -19.98
N LEU A 59 -3.90 24.42 -19.46
CA LEU A 59 -5.14 23.85 -19.96
C LEU A 59 -6.35 24.53 -19.26
N VAL A 60 -6.20 25.06 -18.12
N ASP A 67 -15.82 22.64 -16.19
CA ASP A 67 -15.91 21.22 -16.61
C ASP A 67 -14.55 20.51 -16.66
N ILE A 68 -13.55 21.12 -16.01
CA ILE A 68 -12.20 20.57 -15.94
C ILE A 68 -11.47 21.09 -14.69
N VAL A 69 -11.01 20.16 -13.88
CA VAL A 69 -10.29 20.46 -12.65
C VAL A 69 -8.88 19.91 -12.76
N TYR A 70 -7.98 20.55 -12.05
CA TYR A 70 -6.59 20.20 -12.05
C TYR A 70 -6.17 19.85 -10.61
N VAL A 71 -5.83 18.57 -10.39
CA VAL A 71 -5.35 18.08 -9.10
C VAL A 71 -3.83 18.24 -9.22
N PRO A 72 -3.30 19.33 -8.66
CA PRO A 72 -1.89 19.71 -8.67
C PRO A 72 -0.97 18.79 -7.90
N GLU A 73 0.31 19.10 -7.98
CA GLU A 73 1.33 18.32 -7.29
C GLU A 73 1.18 18.70 -5.82
N PRO A 74 1.13 17.70 -4.92
CA PRO A 74 0.96 17.96 -3.46
C PRO A 74 2.19 18.49 -2.72
N MET A 75 2.76 19.60 -3.21
CA MET A 75 3.96 20.15 -2.61
C MET A 75 3.83 20.50 -1.13
N THR A 76 2.66 20.96 -0.69
CA THR A 76 2.51 21.30 0.73
C THR A 76 2.58 20.06 1.62
N TYR A 77 2.09 18.93 1.13
CA TYR A 77 2.12 17.69 1.87
C TYR A 77 3.55 17.23 2.00
N TRP A 78 4.28 17.29 0.91
CA TRP A 78 5.67 16.87 0.88
C TRP A 78 6.55 17.69 1.81
N ARG A 79 6.43 19.01 1.69
CA ARG A 79 7.23 19.94 2.49
C ARG A 79 6.83 20.17 3.92
N VAL A 80 5.52 20.17 4.19
CA VAL A 80 5.02 20.43 5.54
C VAL A 80 4.11 19.40 6.19
N LEU A 81 2.99 19.07 5.54
CA LEU A 81 1.96 18.16 6.09
C LEU A 81 2.31 16.72 6.49
N GLY A 82 3.01 15.99 5.63
CA GLY A 82 3.35 14.62 5.98
C GLY A 82 4.69 14.48 6.65
N ALA A 83 5.59 15.38 6.28
CA ALA A 83 6.92 15.41 6.81
C ALA A 83 7.52 16.75 6.43
N SER A 84 8.67 17.08 6.97
CA SER A 84 9.31 18.33 6.64
C SER A 84 10.32 18.17 5.47
N GLU A 85 10.10 18.93 4.40
CA GLU A 85 10.97 18.92 3.21
C GLU A 85 11.35 17.54 2.70
N THR A 86 10.34 16.75 2.33
CA THR A 86 10.58 15.41 1.83
C THR A 86 11.49 15.37 0.60
N ILE A 87 11.26 16.28 -0.35
CA ILE A 87 12.09 16.32 -1.56
C ILE A 87 13.56 16.55 -1.25
N ALA A 88 13.84 17.40 -0.26
CA ALA A 88 15.21 17.72 0.16
C ALA A 88 15.82 16.52 0.83
N ASN A 89 15.00 15.86 1.63
CA ASN A 89 15.42 14.67 2.34
C ASN A 89 15.88 13.61 1.35
N ILE A 90 15.12 13.44 0.26
CA ILE A 90 15.45 12.46 -0.75
C ILE A 90 16.80 12.75 -1.45
N TYR A 91 16.91 13.93 -2.04
CA TYR A 91 18.11 14.35 -2.74
C TYR A 91 19.36 14.41 -1.87
N THR A 92 19.19 14.78 -0.61
CA THR A 92 20.32 14.82 0.32
C THR A 92 20.85 13.41 0.69
N THR A 93 19.95 12.45 0.89
CA THR A 93 20.33 11.11 1.22
C THR A 93 21.10 10.52 0.06
N GLN A 94 20.56 10.61 -1.15
CA GLN A 94 21.27 10.08 -2.30
C GLN A 94 22.66 10.70 -2.33
N HIS A 95 22.73 12.00 -2.05
CA HIS A 95 24.00 12.68 -2.04
C HIS A 95 24.98 12.09 -1.03
N ARG A 96 24.52 11.85 0.19
CA ARG A 96 25.38 11.27 1.20
C ARG A 96 25.79 9.87 0.80
N LEU A 97 24.89 9.14 0.14
CA LEU A 97 25.19 7.78 -0.33
C LEU A 97 26.32 7.90 -1.35
N ASP A 98 26.09 8.73 -2.37
CA ASP A 98 27.06 8.99 -3.44
C ASP A 98 28.47 9.33 -2.91
N GLN A 99 28.51 10.17 -1.89
CA GLN A 99 29.77 10.59 -1.27
C GLN A 99 30.33 9.56 -0.28
N GLY A 100 29.58 8.48 -0.05
CA GLY A 100 30.01 7.43 0.86
C GLY A 100 29.90 7.81 2.32
N GLU A 101 29.10 8.84 2.61
CA GLU A 101 28.90 9.31 3.97
C GLU A 101 27.96 8.37 4.74
N ILE A 102 27.13 7.64 4.01
CA ILE A 102 26.20 6.68 4.60
C ILE A 102 26.26 5.41 3.78
N SER A 103 25.67 4.32 4.30
CA SER A 103 25.69 3.06 3.57
C SER A 103 24.43 2.91 2.74
N ALA A 104 24.43 1.94 1.84
CA ALA A 104 23.28 1.67 0.99
C ALA A 104 22.03 1.34 1.79
N GLY A 105 22.20 0.65 2.91
CA GLY A 105 21.10 0.25 3.77
C GLY A 105 20.42 1.39 4.50
N ASP A 106 21.22 2.40 4.90
CA ASP A 106 20.74 3.60 5.60
C ASP A 106 19.92 4.41 4.61
N ALA A 107 20.45 4.54 3.40
CA ALA A 107 19.79 5.29 2.35
C ALA A 107 18.46 4.63 1.96
N ALA A 108 18.47 3.30 1.93
CA ALA A 108 17.30 2.53 1.56
C ALA A 108 16.16 2.71 2.55
N VAL A 109 16.51 2.79 3.81
CA VAL A 109 15.53 2.98 4.86
C VAL A 109 14.94 4.37 4.73
N VAL A 110 15.78 5.35 4.45
CA VAL A 110 15.29 6.71 4.32
C VAL A 110 14.49 6.82 3.04
N MET A 111 15.05 6.30 1.95
CA MET A 111 14.40 6.37 0.65
C MET A 111 13.00 5.71 0.68
N THR A 112 12.90 4.54 1.31
CA THR A 112 11.62 3.81 1.42
C THR A 112 10.57 4.59 2.23
N SER A 113 10.99 5.08 3.39
CA SER A 113 10.18 5.85 4.31
C SER A 113 9.64 7.13 3.65
N ALA A 114 10.47 7.79 2.85
CA ALA A 114 10.10 9.02 2.14
C ALA A 114 9.14 8.77 1.00
N GLN A 115 9.34 7.69 0.25
CA GLN A 115 8.43 7.38 -0.85
C GLN A 115 7.02 7.15 -0.35
N ILE A 116 6.91 6.77 0.92
CA ILE A 116 5.60 6.57 1.53
C ILE A 116 4.97 7.96 1.68
N THR A 117 5.75 8.92 2.17
CA THR A 117 5.28 10.31 2.31
C THR A 117 4.93 10.92 0.94
N MET A 118 5.76 10.65 -0.08
CA MET A 118 5.53 11.19 -1.42
C MET A 118 4.26 10.71 -2.10
N GLY A 119 3.90 9.45 -1.91
CA GLY A 119 2.71 8.93 -2.58
C GLY A 119 1.37 8.96 -1.85
N MET A 120 1.39 9.34 -0.57
CA MET A 120 0.21 9.41 0.28
C MET A 120 -0.95 10.14 -0.35
N PRO A 121 -0.71 11.39 -0.83
CA PRO A 121 -1.80 12.13 -1.46
C PRO A 121 -2.43 11.42 -2.69
N TYR A 122 -1.60 10.73 -3.47
CA TYR A 122 -2.07 10.02 -4.66
C TYR A 122 -2.89 8.83 -4.24
N ALA A 123 -2.40 8.12 -3.23
CA ALA A 123 -3.08 6.93 -2.72
C ALA A 123 -4.45 7.26 -2.12
N VAL A 124 -4.56 8.22 -1.19
CA VAL A 124 -5.89 8.53 -0.66
C VAL A 124 -6.82 9.04 -1.73
N THR A 125 -6.32 9.94 -2.58
CA THR A 125 -7.16 10.47 -3.65
C THR A 125 -7.73 9.30 -4.41
N ASP A 126 -6.86 8.37 -4.79
CA ASP A 126 -7.32 7.21 -5.54
C ASP A 126 -8.35 6.41 -4.74
N ALA A 127 -8.05 6.21 -3.45
CA ALA A 127 -8.91 5.45 -2.55
C ALA A 127 -10.30 6.06 -2.43
N VAL A 128 -10.37 7.36 -2.24
CA VAL A 128 -11.62 8.08 -2.09
C VAL A 128 -12.34 8.26 -3.42
N LEU A 129 -11.60 8.17 -4.51
CA LEU A 129 -12.17 8.35 -5.83
C LEU A 129 -12.78 7.05 -6.35
N ALA A 130 -12.09 5.94 -6.12
CA ALA A 130 -12.53 4.65 -6.59
C ALA A 130 -14.04 4.36 -6.61
N PRO A 131 -14.74 4.52 -5.48
CA PRO A 131 -16.18 4.25 -5.45
C PRO A 131 -17.09 5.00 -6.45
N HIS A 132 -16.66 6.15 -6.95
CA HIS A 132 -17.46 6.92 -7.91
C HIS A 132 -17.25 6.53 -9.35
N ILE A 133 -16.15 5.84 -9.62
CA ILE A 133 -15.79 5.46 -10.98
C ILE A 133 -16.64 4.28 -11.40
N GLY A 134 -17.40 4.45 -12.46
CA GLY A 134 -18.22 3.37 -12.95
C GLY A 134 -17.52 2.75 -14.14
N GLY A 135 -18.30 2.11 -15.00
CA GLY A 135 -17.74 1.48 -16.18
C GLY A 135 -17.34 2.44 -17.27
N GLU A 136 -16.49 1.93 -18.16
CA GLU A 136 -15.98 2.67 -19.30
C GLU A 136 -17.06 2.87 -20.32
N ALA A 137 -16.97 4.02 -20.97
CA ALA A 137 -17.86 4.45 -22.04
C ALA A 137 -16.97 4.65 -23.29
N GLY A 138 -15.81 5.15 -23.15
N PRO A 144 -19.79 14.86 -24.81
CA PRO A 144 -18.56 15.34 -24.12
C PRO A 144 -18.69 14.94 -22.63
N PRO A 145 -17.57 14.69 -21.91
CA PRO A 145 -17.65 14.29 -20.50
C PRO A 145 -18.15 15.41 -19.58
N ALA A 146 -18.88 15.03 -18.53
CA ALA A 146 -19.42 16.00 -17.60
C ALA A 146 -18.30 16.67 -16.80
N LEU A 147 -17.19 15.94 -16.57
CA LEU A 147 -16.05 16.46 -15.82
C LEU A 147 -14.77 15.86 -16.37
N THR A 148 -13.72 16.67 -16.41
CA THR A 148 -12.42 16.23 -16.87
C THR A 148 -11.45 16.49 -15.72
N LEU A 149 -10.82 15.46 -15.20
CA LEU A 149 -9.88 15.65 -14.10
C LEU A 149 -8.51 15.45 -14.64
N ILE A 150 -7.66 16.46 -14.45
CA ILE A 150 -6.26 16.48 -14.90
C ILE A 150 -5.44 16.31 -13.63
N PHE A 151 -4.78 15.18 -13.48
CA PHE A 151 -3.97 14.94 -12.31
C PHE A 151 -2.54 15.19 -12.57
N ASP A 152 -1.82 15.70 -11.59
CA ASP A 152 -0.40 15.89 -11.76
C ASP A 152 0.18 14.62 -11.15
N ARG A 153 0.46 13.65 -12.03
CA ARG A 153 1.00 12.32 -11.69
C ARG A 153 0.00 11.27 -11.15
N HIS A 154 0.26 9.99 -11.46
CA HIS A 154 -0.56 8.86 -11.01
C HIS A 154 0.12 8.15 -9.83
N PRO A 155 -0.64 7.41 -9.01
CA PRO A 155 -0.07 6.68 -7.87
C PRO A 155 1.15 5.86 -8.21
N ILE A 156 1.19 5.27 -9.41
CA ILE A 156 2.36 4.48 -9.81
C ILE A 156 3.67 5.29 -9.84
N ALA A 157 3.59 6.61 -9.88
CA ALA A 157 4.81 7.40 -9.85
C ALA A 157 5.53 7.14 -8.52
N ALA A 158 4.80 7.20 -7.42
CA ALA A 158 5.40 6.99 -6.10
C ALA A 158 5.46 5.54 -5.63
N LEU A 159 4.62 4.68 -6.19
CA LEU A 159 4.59 3.29 -5.79
C LEU A 159 5.33 2.35 -6.73
N LEU A 160 5.79 2.85 -7.86
CA LEU A 160 6.52 2.02 -8.81
C LEU A 160 7.71 2.71 -9.45
N CYS A 161 7.44 3.82 -10.13
CA CYS A 161 8.48 4.51 -10.88
C CYS A 161 9.63 5.11 -10.11
N TYR A 162 9.37 5.96 -9.14
CA TYR A 162 10.47 6.50 -8.41
C TYR A 162 11.19 5.45 -7.61
N PRO A 163 10.46 4.54 -6.96
CA PRO A 163 11.15 3.48 -6.19
C PRO A 163 12.10 2.69 -7.11
N ALA A 164 11.64 2.32 -8.30
CA ALA A 164 12.44 1.58 -9.28
C ALA A 164 13.71 2.37 -9.67
N ALA A 165 13.55 3.68 -9.90
CA ALA A 165 14.65 4.55 -10.26
C ALA A 165 15.63 4.58 -9.10
N ARG A 166 15.12 4.69 -7.88
CA ARG A 166 16.00 4.72 -6.71
C ARG A 166 16.74 3.40 -6.52
N TYR A 167 16.10 2.29 -6.89
CA TYR A 167 16.78 1.00 -6.80
C TYR A 167 17.93 1.11 -7.83
N LEU A 168 17.62 1.60 -9.03
CA LEU A 168 18.63 1.78 -10.06
C LEU A 168 19.77 2.69 -9.60
N MET A 169 19.53 3.48 -8.56
CA MET A 169 20.52 4.39 -8.01
C MET A 169 21.15 3.81 -6.77
N GLY A 170 20.83 2.56 -6.48
CA GLY A 170 21.40 1.92 -5.31
C GLY A 170 20.86 2.36 -3.96
N SER A 171 19.78 3.13 -3.95
CA SER A 171 19.22 3.60 -2.69
C SER A 171 17.84 3.04 -2.25
N MET A 172 17.42 1.92 -2.85
CA MET A 172 16.19 1.26 -2.47
C MET A 172 16.33 -0.22 -2.83
N THR A 173 15.97 -1.11 -1.91
CA THR A 173 16.05 -2.56 -2.15
C THR A 173 14.98 -2.97 -3.15
N PRO A 174 15.22 -3.99 -4.00
CA PRO A 174 14.15 -4.35 -4.93
C PRO A 174 12.97 -5.00 -4.19
N GLN A 175 13.22 -5.50 -2.97
CA GLN A 175 12.15 -6.08 -2.16
C GLN A 175 11.22 -4.95 -1.73
N ALA A 176 11.78 -3.77 -1.48
CA ALA A 176 11.00 -2.61 -1.07
C ALA A 176 10.18 -2.19 -2.27
N VAL A 177 10.85 -2.13 -3.42
CA VAL A 177 10.21 -1.78 -4.67
C VAL A 177 9.03 -2.69 -4.94
N LEU A 178 9.20 -4.01 -4.75
CA LEU A 178 8.08 -4.94 -4.99
C LEU A 178 6.96 -4.86 -3.92
N ALA A 179 7.31 -4.43 -2.69
CA ALA A 179 6.33 -4.21 -1.64
C ALA A 179 5.37 -3.05 -2.07
N PHE A 180 5.94 -1.99 -2.65
CA PHE A 180 5.12 -0.86 -3.15
C PHE A 180 4.24 -1.31 -4.32
N VAL A 181 4.80 -2.13 -5.21
CA VAL A 181 4.07 -2.67 -6.35
C VAL A 181 2.88 -3.47 -5.86
N ALA A 182 3.11 -4.35 -4.90
CA ALA A 182 2.08 -5.19 -4.30
C ALA A 182 0.99 -4.31 -3.73
N LEU A 183 1.34 -3.08 -3.38
CA LEU A 183 0.34 -2.18 -2.82
C LEU A 183 -0.32 -1.29 -3.86
N ILE A 184 0.05 -1.41 -5.14
CA ILE A 184 -0.58 -0.55 -6.15
C ILE A 184 -2.06 -0.87 -6.20
N PRO A 185 -2.92 0.15 -6.07
CA PRO A 185 -4.37 -0.07 -6.10
C PRO A 185 -4.91 -0.63 -7.43
N PRO A 186 -6.01 -1.39 -7.39
CA PRO A 186 -6.53 -1.93 -8.64
C PRO A 186 -6.76 -0.80 -9.63
N THR A 187 -6.45 -1.06 -10.89
CA THR A 187 -6.61 -0.07 -11.94
C THR A 187 -8.06 0.10 -12.37
N LEU A 188 -8.62 1.25 -11.99
CA LEU A 188 -9.99 1.63 -12.27
C LEU A 188 -10.19 1.81 -13.77
N PRO A 189 -11.44 1.72 -14.23
CA PRO A 189 -11.68 1.92 -15.67
C PRO A 189 -11.30 3.34 -16.05
N GLY A 190 -11.00 3.54 -17.34
CA GLY A 190 -10.66 4.86 -17.83
C GLY A 190 -9.45 5.52 -17.21
N THR A 191 -8.40 4.74 -16.94
CA THR A 191 -7.19 5.31 -16.37
C THR A 191 -6.27 5.64 -17.51
N ASN A 192 -6.30 6.90 -17.96
CA ASN A 192 -5.46 7.38 -19.09
C ASN A 192 -4.22 8.04 -18.52
N ILE A 193 -3.03 7.55 -18.92
CA ILE A 193 -1.76 8.07 -18.42
C ILE A 193 -1.02 8.71 -19.58
N VAL A 194 -0.68 9.98 -19.41
CA VAL A 194 0.04 10.71 -20.44
C VAL A 194 1.48 10.70 -19.99
N LEU A 195 2.37 10.17 -20.81
CA LEU A 195 3.77 10.13 -20.45
C LEU A 195 4.49 11.08 -21.41
N GLY A 196 5.70 11.54 -21.08
CA GLY A 196 6.36 12.48 -21.96
C GLY A 196 7.54 12.05 -22.81
N ALA A 197 7.76 12.77 -23.91
CA ALA A 197 8.89 12.53 -24.82
C ALA A 197 9.72 13.80 -24.87
N LEU A 198 11.02 13.69 -24.62
CA LEU A 198 11.91 14.85 -24.63
C LEU A 198 13.34 14.34 -24.63
N PRO A 199 14.17 14.71 -25.63
CA PRO A 199 15.59 14.32 -25.79
C PRO A 199 16.34 14.69 -24.55
N GLU A 200 17.28 13.84 -24.13
CA GLU A 200 18.00 14.07 -22.88
C GLU A 200 18.65 15.44 -22.62
N ASP A 201 19.38 15.97 -23.59
CA ASP A 201 20.07 17.26 -23.40
C ASP A 201 19.06 18.41 -23.25
N ARG A 202 17.92 18.28 -23.93
CA ARG A 202 16.85 19.26 -23.87
C ARG A 202 16.16 19.12 -22.50
N HIS A 203 16.07 17.88 -22.01
CA HIS A 203 15.47 17.60 -20.71
C HIS A 203 16.39 18.16 -19.61
N ILE A 204 17.69 17.96 -19.76
CA ILE A 204 18.67 18.49 -18.80
C ILE A 204 18.49 20.02 -18.69
N ASP A 205 18.37 20.70 -19.84
CA ASP A 205 18.17 22.15 -19.92
C ASP A 205 16.92 22.51 -19.11
N ARG A 206 15.82 21.79 -19.35
CA ARG A 206 14.56 21.97 -18.63
C ARG A 206 14.70 21.61 -17.16
N LEU A 207 15.26 20.45 -16.87
CA LEU A 207 15.47 20.02 -15.48
C LEU A 207 16.08 21.22 -14.74
N ALA A 208 17.16 21.77 -15.30
CA ALA A 208 17.86 22.90 -14.70
C ALA A 208 16.92 24.09 -14.42
N LYS A 209 16.02 24.37 -15.36
CA LYS A 209 15.05 25.49 -15.23
C LYS A 209 14.22 25.32 -13.96
N ARG A 210 13.57 24.17 -13.75
CA ARG A 210 12.81 24.01 -12.53
C ARG A 210 12.95 22.76 -11.67
N GLN A 211 13.68 23.00 -10.59
CA GLN A 211 13.99 22.06 -9.55
C GLN A 211 13.12 22.49 -8.37
N ARG A 212 12.51 21.52 -7.70
CA ARG A 212 11.66 21.79 -6.53
C ARG A 212 12.55 22.16 -5.33
N PRO A 213 11.98 22.82 -4.30
CA PRO A 213 12.81 23.17 -3.13
C PRO A 213 13.46 21.94 -2.50
N GLY A 214 14.78 21.92 -2.47
CA GLY A 214 15.49 20.79 -1.91
C GLY A 214 16.13 19.85 -2.93
N GLU A 215 15.75 19.97 -4.20
CA GLU A 215 16.33 19.13 -5.26
C GLU A 215 17.80 19.44 -5.48
N ARG A 216 18.50 18.48 -6.09
CA ARG A 216 19.90 18.64 -6.49
C ARG A 216 19.94 18.09 -7.91
N LEU A 217 20.45 18.85 -8.89
CA LEU A 217 20.49 18.34 -10.26
C LEU A 217 21.30 17.09 -10.11
N ASP A 218 20.76 15.99 -10.59
CA ASP A 218 21.42 14.69 -10.50
C ASP A 218 21.14 14.08 -11.83
N LEU A 219 22.14 14.11 -12.70
CA LEU A 219 21.99 13.57 -14.07
C LEU A 219 21.90 12.05 -14.10
N ALA A 220 22.40 11.43 -13.06
CA ALA A 220 22.33 9.98 -12.92
C ALA A 220 20.87 9.60 -12.50
N MET A 221 20.19 10.46 -11.75
CA MET A 221 18.79 10.22 -11.38
C MET A 221 17.94 10.56 -12.60
N LEU A 222 18.34 11.54 -13.39
CA LEU A 222 17.56 11.89 -14.56
C LEU A 222 17.57 10.69 -15.47
N ALA A 223 18.74 10.07 -15.58
CA ALA A 223 18.93 8.90 -16.43
C ALA A 223 18.17 7.68 -15.89
N ALA A 224 18.27 7.43 -14.58
CA ALA A 224 17.56 6.32 -13.94
C ALA A 224 16.05 6.48 -14.12
N ILE A 225 15.56 7.69 -13.90
CA ILE A 225 14.13 7.97 -14.01
C ILE A 225 13.60 7.94 -15.44
N ARG A 226 14.39 8.44 -16.39
CA ARG A 226 13.96 8.40 -17.79
C ARG A 226 13.99 6.91 -18.21
N ARG A 227 14.93 6.14 -17.67
CA ARG A 227 15.02 4.72 -18.00
C ARG A 227 13.73 4.04 -17.54
N VAL A 228 13.37 4.24 -16.28
CA VAL A 228 12.15 3.66 -15.71
C VAL A 228 10.88 4.00 -16.50
N TYR A 229 10.65 5.26 -16.82
CA TYR A 229 9.44 5.60 -17.56
C TYR A 229 9.49 5.06 -18.98
N GLY A 230 10.69 4.84 -19.51
CA GLY A 230 10.82 4.28 -20.85
C GLY A 230 10.41 2.81 -20.83
N LEU A 231 10.88 2.09 -19.82
CA LEU A 231 10.58 0.68 -19.62
C LEU A 231 9.08 0.57 -19.35
N LEU A 232 8.53 1.47 -18.53
CA LEU A 232 7.11 1.46 -18.23
C LEU A 232 6.28 1.48 -19.49
N ALA A 233 6.54 2.43 -20.38
CA ALA A 233 5.79 2.52 -21.62
C ALA A 233 5.95 1.25 -22.43
N ASN A 234 7.13 0.65 -22.36
CA ASN A 234 7.40 -0.59 -23.10
C ASN A 234 6.64 -1.74 -22.48
N THR A 235 6.53 -1.76 -21.15
CA THR A 235 5.84 -2.82 -20.45
C THR A 235 4.35 -2.86 -20.77
N VAL A 236 3.72 -1.69 -20.86
CA VAL A 236 2.30 -1.62 -21.17
C VAL A 236 2.07 -2.20 -22.55
N ARG A 237 2.87 -1.79 -23.55
CA ARG A 237 2.71 -2.32 -24.92
C ARG A 237 2.91 -3.84 -24.88
N TYR A 238 3.94 -4.27 -24.16
CA TYR A 238 4.27 -5.69 -23.97
C TYR A 238 3.06 -6.48 -23.45
N LEU A 239 2.50 -6.01 -22.35
CA LEU A 239 1.35 -6.64 -21.72
C LEU A 239 0.11 -6.67 -22.62
N GLN A 240 -0.11 -5.58 -23.35
CA GLN A 240 -1.24 -5.48 -24.26
C GLN A 240 -1.16 -6.37 -25.50
N CYS A 241 0.06 -6.62 -25.96
CA CYS A 241 0.31 -7.46 -27.12
C CYS A 241 0.41 -8.91 -26.73
N GLY A 242 -0.07 -9.21 -25.53
CA GLY A 242 -0.08 -10.56 -25.03
C GLY A 242 1.13 -11.06 -24.29
N GLY A 243 2.09 -10.20 -24.01
CA GLY A 243 3.26 -10.68 -23.31
C GLY A 243 3.03 -11.31 -21.94
N SER A 244 3.68 -12.46 -21.73
CA SER A 244 3.63 -13.19 -20.45
C SER A 244 5.05 -13.21 -19.87
N TRP A 245 5.26 -12.53 -18.75
CA TRP A 245 6.59 -12.48 -18.17
C TRP A 245 7.08 -13.82 -17.71
N ARG A 246 6.17 -14.65 -17.18
CA ARG A 246 6.56 -15.97 -16.72
C ARG A 246 7.06 -16.78 -17.89
N GLU A 247 6.42 -16.63 -19.03
CA GLU A 247 6.82 -17.35 -20.21
C GLU A 247 8.09 -16.78 -20.86
N ASP A 248 8.31 -15.46 -20.79
CA ASP A 248 9.49 -14.81 -21.38
C ASP A 248 10.69 -14.64 -20.46
N TRP A 249 10.51 -14.92 -19.17
CA TRP A 249 11.58 -14.76 -18.18
C TRP A 249 12.94 -15.40 -18.50
N GLY A 250 12.90 -16.54 -19.17
CA GLY A 250 14.13 -17.24 -19.53
C GLY A 250 15.01 -16.51 -20.52
N GLN A 251 14.42 -15.66 -21.35
CA GLN A 251 15.18 -14.90 -22.33
C GLN A 251 16.14 -13.92 -21.65
N LEU A 252 15.87 -13.56 -20.40
CA LEU A 252 16.71 -12.62 -19.66
C LEU A 252 17.97 -13.34 -19.21
N SER A 253 17.89 -14.67 -19.16
CA SER A 253 19.02 -15.49 -18.76
C SER A 253 19.82 -15.83 -20.02
N GLY A 254 19.20 -16.14 -21.08
N PRO A 270 4.47 -9.22 -32.63
CA PRO A 270 5.09 -7.86 -32.57
C PRO A 270 5.04 -7.29 -31.12
N ARG A 271 6.17 -7.30 -30.40
CA ARG A 271 6.19 -6.79 -29.02
C ARG A 271 7.59 -6.53 -28.48
N PRO A 272 7.72 -5.64 -27.48
CA PRO A 272 9.04 -5.34 -26.91
C PRO A 272 9.68 -6.59 -26.28
N HIS A 273 11.00 -6.68 -26.32
CA HIS A 273 11.68 -7.80 -25.70
C HIS A 273 11.53 -7.56 -24.20
N ILE A 274 11.25 -8.61 -23.45
CA ILE A 274 11.08 -8.50 -22.01
C ILE A 274 12.29 -7.81 -21.40
N GLY A 275 13.42 -7.85 -22.09
CA GLY A 275 14.61 -7.20 -21.60
C GLY A 275 14.49 -5.69 -21.68
N ASP A 276 13.46 -5.25 -22.39
CA ASP A 276 13.18 -3.86 -22.55
C ASP A 276 11.87 -3.50 -21.85
N THR A 277 11.50 -4.27 -20.83
CA THR A 277 10.29 -4.00 -20.06
C THR A 277 10.71 -3.86 -18.58
N LEU A 278 9.79 -3.46 -17.70
CA LEU A 278 10.15 -3.33 -16.29
C LEU A 278 10.54 -4.63 -15.65
N PHE A 279 10.22 -5.75 -16.28
CA PHE A 279 10.53 -7.03 -15.68
C PHE A 279 12.01 -7.29 -15.56
N THR A 280 12.79 -6.75 -16.47
CA THR A 280 14.22 -6.92 -16.43
C THR A 280 14.92 -6.42 -15.15
N LEU A 281 14.33 -5.44 -14.46
CA LEU A 281 14.91 -4.89 -13.22
C LEU A 281 14.84 -5.86 -12.08
N PHE A 282 13.88 -6.75 -12.14
CA PHE A 282 13.66 -7.71 -11.06
C PHE A 282 14.36 -9.05 -11.22
N ARG A 283 15.32 -9.09 -12.11
CA ARG A 283 16.17 -10.25 -12.31
C ARG A 283 17.29 -9.79 -11.39
N ALA A 284 16.95 -9.42 -10.17
CA ALA A 284 17.92 -8.91 -9.20
C ALA A 284 18.25 -10.03 -8.23
N PRO A 285 19.56 -10.26 -7.96
CA PRO A 285 20.09 -11.29 -7.09
C PRO A 285 19.45 -11.40 -5.72
N GLU A 286 18.96 -10.28 -5.19
CA GLU A 286 18.31 -10.32 -3.89
C GLU A 286 16.97 -11.04 -3.95
N LEU A 287 16.38 -11.09 -5.15
CA LEU A 287 15.08 -11.70 -5.36
C LEU A 287 15.10 -13.14 -5.81
N LEU A 288 16.29 -13.71 -5.93
CA LEU A 288 16.44 -15.06 -6.43
C LEU A 288 16.93 -16.07 -5.44
N ALA A 289 16.44 -17.30 -5.59
CA ALA A 289 16.84 -18.38 -4.72
C ALA A 289 18.21 -18.84 -5.20
N PRO A 290 18.96 -19.56 -4.33
CA PRO A 290 20.30 -20.07 -4.66
C PRO A 290 20.45 -20.73 -6.04
N ASN A 291 19.37 -21.28 -6.58
CA ASN A 291 19.40 -21.91 -7.87
C ASN A 291 19.01 -20.97 -8.96
N GLY A 292 18.88 -19.68 -8.63
CA GLY A 292 18.52 -18.69 -9.63
C GLY A 292 17.03 -18.47 -9.82
N ASP A 293 16.22 -19.27 -9.13
CA ASP A 293 14.79 -19.11 -9.23
C ASP A 293 14.32 -17.88 -8.49
N LEU A 294 13.38 -17.18 -9.11
CA LEU A 294 12.75 -16.01 -8.52
C LEU A 294 11.86 -16.58 -7.38
N TYR A 295 11.94 -16.04 -6.17
CA TYR A 295 11.05 -16.53 -5.11
C TYR A 295 9.60 -16.27 -5.52
N ASN A 296 8.68 -17.17 -5.15
CA ASN A 296 7.27 -16.98 -5.51
C ASN A 296 6.68 -15.65 -5.04
N VAL A 297 7.02 -15.21 -3.83
CA VAL A 297 6.48 -13.94 -3.30
C VAL A 297 6.71 -12.83 -4.33
N PHE A 298 7.94 -12.78 -4.83
CA PHE A 298 8.32 -11.78 -5.81
C PHE A 298 7.67 -12.02 -7.16
N ALA A 299 7.50 -13.29 -7.52
CA ALA A 299 6.88 -13.63 -8.79
C ALA A 299 5.42 -13.22 -8.74
N TRP A 300 4.82 -13.31 -7.56
CA TRP A 300 3.41 -12.91 -7.42
C TRP A 300 3.30 -11.38 -7.52
N ALA A 301 4.29 -10.66 -7.00
CA ALA A 301 4.26 -9.21 -7.08
C ALA A 301 4.45 -8.76 -8.53
N LEU A 302 5.06 -9.63 -9.34
CA LEU A 302 5.24 -9.33 -10.76
C LEU A 302 3.92 -9.55 -11.47
N ASP A 303 3.13 -10.49 -10.94
CA ASP A 303 1.80 -10.78 -11.47
C ASP A 303 0.88 -9.57 -11.22
N VAL A 304 0.98 -8.99 -10.03
CA VAL A 304 0.22 -7.79 -9.69
C VAL A 304 0.64 -6.64 -10.63
N LEU A 305 1.95 -6.45 -10.80
CA LEU A 305 2.48 -5.43 -11.69
C LEU A 305 1.86 -5.58 -13.04
N ALA A 306 1.92 -6.81 -13.59
CA ALA A 306 1.38 -7.09 -14.93
C ALA A 306 -0.12 -6.77 -15.01
N LYS A 307 -0.84 -7.12 -13.96
CA LYS A 307 -2.28 -6.92 -13.86
C LYS A 307 -2.63 -5.44 -13.80
N ARG A 308 -1.91 -4.69 -12.97
CA ARG A 308 -2.15 -3.25 -12.80
C ARG A 308 -1.86 -2.44 -14.08
N LEU A 309 -0.70 -2.69 -14.69
CA LEU A 309 -0.28 -1.97 -15.88
C LEU A 309 -1.01 -2.24 -17.17
N ARG A 310 -1.37 -3.49 -17.39
CA ARG A 310 -2.01 -3.90 -18.63
C ARG A 310 -3.28 -3.18 -18.98
N SER A 311 -4.04 -2.79 -17.97
CA SER A 311 -5.31 -2.13 -18.25
C SER A 311 -5.21 -0.63 -18.35
N MET A 312 -4.00 -0.10 -18.30
CA MET A 312 -3.82 1.33 -18.40
C MET A 312 -3.86 1.77 -19.86
N HIS A 313 -4.21 3.03 -20.09
CA HIS A 313 -4.24 3.56 -21.44
C HIS A 313 -3.17 4.64 -21.43
N VAL A 314 -2.09 4.37 -22.16
CA VAL A 314 -0.92 5.25 -22.23
C VAL A 314 -0.93 6.18 -23.46
N PHE A 315 -0.57 7.46 -23.25
CA PHE A 315 -0.53 8.43 -24.33
C PHE A 315 0.76 9.18 -24.20
N ILE A 316 1.44 9.38 -25.33
CA ILE A 316 2.74 10.06 -25.33
C ILE A 316 2.67 11.51 -25.80
N LEU A 317 3.23 12.40 -24.99
CA LEU A 317 3.27 13.81 -25.32
C LEU A 317 4.72 14.22 -25.55
N ASP A 318 4.95 14.79 -26.73
CA ASP A 318 6.23 15.31 -27.15
C ASP A 318 6.34 16.64 -26.43
N TYR A 319 7.28 16.75 -25.51
CA TYR A 319 7.46 17.98 -24.78
C TYR A 319 8.43 18.89 -25.46
N ASP A 320 9.14 18.37 -26.44
CA ASP A 320 10.11 19.15 -27.18
C ASP A 320 9.45 20.22 -28.04
N GLN A 321 8.61 21.04 -27.41
CA GLN A 321 7.90 22.12 -28.08
C GLN A 321 7.51 23.19 -27.04
N SER A 322 6.84 24.25 -27.49
CA SER A 322 6.43 25.35 -26.63
C SER A 322 5.26 24.99 -25.71
N PRO A 323 5.17 25.65 -24.53
CA PRO A 323 4.12 25.41 -23.54
C PRO A 323 2.69 25.39 -24.06
N ALA A 324 2.38 26.28 -25.00
CA ALA A 324 1.03 26.32 -25.58
C ALA A 324 0.90 25.15 -26.56
N GLY A 325 2.00 24.81 -27.25
CA GLY A 325 2.02 23.69 -28.19
C GLY A 325 1.88 22.40 -27.42
N CYS A 326 2.62 22.31 -26.31
CA CYS A 326 2.57 21.16 -25.41
C CYS A 326 1.12 21.10 -24.96
N ARG A 327 0.59 22.27 -24.59
CA ARG A 327 -0.78 22.39 -24.15
C ARG A 327 -1.73 21.92 -25.25
N ASP A 328 -1.49 22.36 -26.48
CA ASP A 328 -2.34 21.97 -27.62
C ASP A 328 -2.31 20.47 -27.86
N ALA A 329 -1.10 19.92 -27.92
CA ALA A 329 -0.90 18.49 -28.12
C ALA A 329 -1.65 17.66 -27.08
N LEU A 330 -1.58 18.07 -25.83
CA LEU A 330 -2.23 17.37 -24.71
C LEU A 330 -3.73 17.29 -24.89
N LEU A 331 -4.35 18.44 -25.16
CA LEU A 331 -5.79 18.54 -25.37
C LEU A 331 -6.14 17.65 -26.58
N GLN A 332 -5.17 17.53 -27.47
CA GLN A 332 -5.29 16.74 -28.69
C GLN A 332 -5.38 15.23 -28.39
N LEU A 333 -4.58 14.75 -27.44
CA LEU A 333 -4.56 13.34 -27.07
C LEU A 333 -5.86 12.88 -26.47
N THR A 334 -6.61 13.87 -25.99
CA THR A 334 -7.89 13.68 -25.36
C THR A 334 -8.91 12.85 -26.12
N SER A 335 -8.95 13.00 -27.44
CA SER A 335 -9.92 12.28 -28.27
C SER A 335 -9.87 10.77 -28.17
N GLY A 336 -8.69 10.23 -27.86
CA GLY A 336 -8.58 8.78 -27.74
C GLY A 336 -8.61 8.21 -26.32
N MET A 337 -8.71 9.09 -25.33
CA MET A 337 -8.71 8.68 -23.93
C MET A 337 -10.02 8.06 -23.57
N VAL A 338 -10.02 7.15 -22.61
CA VAL A 338 -11.25 6.51 -22.23
C VAL A 338 -11.97 7.18 -21.06
N GLN A 339 -13.26 7.42 -21.28
CA GLN A 339 -14.14 8.04 -20.33
C GLN A 339 -14.85 6.94 -19.62
N THR A 340 -15.48 7.28 -18.52
CA THR A 340 -16.19 6.31 -17.77
C THR A 340 -17.40 7.00 -17.22
N HIS A 341 -18.30 6.21 -16.68
CA HIS A 341 -19.50 6.72 -16.05
C HIS A 341 -19.17 6.91 -14.58
N VAL A 342 -19.91 7.78 -13.92
CA VAL A 342 -19.73 7.92 -12.49
C VAL A 342 -20.80 7.01 -11.93
N THR A 343 -20.65 6.69 -10.67
CA THR A 343 -21.53 5.79 -9.95
C THR A 343 -22.85 6.35 -9.38
N THR A 344 -22.88 7.64 -9.07
CA THR A 344 -24.06 8.31 -8.52
C THR A 344 -24.34 9.61 -9.28
N PRO A 345 -25.52 10.25 -9.04
CA PRO A 345 -25.82 11.50 -9.74
C PRO A 345 -24.80 12.48 -9.22
N GLY A 346 -24.73 12.49 -7.88
CA GLY A 346 -23.85 13.35 -7.13
C GLY A 346 -22.36 13.04 -7.17
N SER A 347 -21.94 12.08 -7.99
CA SER A 347 -20.52 11.79 -8.06
C SER A 347 -19.75 13.00 -8.60
N ILE A 348 -20.18 13.56 -9.73
CA ILE A 348 -19.47 14.73 -10.32
C ILE A 348 -19.11 15.90 -9.36
N PRO A 349 -20.09 16.46 -8.64
CA PRO A 349 -19.86 17.57 -7.70
C PRO A 349 -18.91 17.16 -6.59
N THR A 350 -19.10 15.95 -6.08
CA THR A 350 -18.26 15.39 -5.03
C THR A 350 -16.82 15.25 -5.54
N ILE A 351 -16.66 14.70 -6.74
CA ILE A 351 -15.35 14.55 -7.35
C ILE A 351 -14.74 15.95 -7.53
N CYS A 352 -15.57 16.88 -7.99
CA CYS A 352 -15.14 18.25 -8.19
C CYS A 352 -14.63 18.86 -6.88
N ASP A 353 -15.40 18.76 -5.80
CA ASP A 353 -14.97 19.32 -4.52
C ASP A 353 -13.69 18.68 -3.98
N LEU A 354 -13.48 17.40 -4.26
CA LEU A 354 -12.27 16.70 -3.80
C LEU A 354 -11.06 17.29 -4.52
N ALA A 355 -11.16 17.34 -5.84
CA ALA A 355 -10.10 17.87 -6.67
C ALA A 355 -9.79 19.31 -6.26
N ARG A 356 -10.83 20.11 -6.02
CA ARG A 356 -10.61 21.50 -5.60
C ARG A 356 -10.03 21.61 -4.19
N THR A 357 -10.52 20.80 -3.27
CA THR A 357 -10.01 20.80 -1.91
C THR A 357 -8.54 20.33 -1.87
N PHE A 358 -8.24 19.29 -2.67
CA PHE A 358 -6.88 18.74 -2.76
C PHE A 358 -5.99 19.90 -3.22
N ALA A 359 -6.37 20.53 -4.33
CA ALA A 359 -5.62 21.65 -4.90
C ALA A 359 -5.31 22.69 -3.84
N ARG A 360 -6.38 23.16 -3.23
CA ARG A 360 -6.37 24.18 -2.18
C ARG A 360 -5.48 23.90 -0.98
N GLU A 361 -5.52 22.68 -0.49
CA GLU A 361 -4.75 22.32 0.68
C GLU A 361 -3.31 21.87 0.43
N MET A 362 -3.12 21.14 -0.66
CA MET A 362 -1.80 20.60 -0.97
C MET A 362 -0.97 21.22 -2.05
N GLY A 363 -1.59 21.99 -2.93
CA GLY A 363 -0.80 22.67 -3.93
C GLY A 363 -0.23 23.88 -3.22
N GLU A 364 1.06 24.14 -3.32
CA GLU A 364 1.58 25.30 -2.62
C GLU A 364 1.37 26.62 -3.38
N ALA A 365 1.21 26.53 -4.64
N MET B 36 -22.22 -23.46 -7.68
CA MET B 36 -20.77 -23.10 -7.70
C MET B 36 -20.13 -23.42 -6.32
N PRO B 37 -18.80 -23.74 -6.30
CA PRO B 37 -18.08 -24.05 -5.06
C PRO B 37 -17.87 -22.81 -4.18
N THR B 38 -17.95 -22.96 -2.86
CA THR B 38 -17.76 -21.85 -1.93
C THR B 38 -16.43 -21.95 -1.22
N LEU B 39 -16.02 -20.84 -0.60
CA LEU B 39 -14.77 -20.75 0.10
C LEU B 39 -15.01 -20.06 1.41
N LEU B 40 -14.31 -20.51 2.44
CA LEU B 40 -14.40 -19.91 3.75
C LEU B 40 -12.99 -19.41 4.11
N ARG B 41 -12.87 -18.11 4.33
CA ARG B 41 -11.59 -17.51 4.69
C ARG B 41 -11.70 -17.01 6.13
N VAL B 42 -10.72 -17.33 6.95
CA VAL B 42 -10.69 -16.89 8.32
C VAL B 42 -9.28 -16.42 8.66
N TYR B 43 -9.20 -15.17 9.10
CA TYR B 43 -7.93 -14.54 9.47
C TYR B 43 -7.91 -14.48 10.98
N ILE B 44 -6.93 -15.13 11.58
CA ILE B 44 -6.83 -15.11 13.03
C ILE B 44 -5.82 -14.01 13.32
N ASP B 45 -6.25 -12.93 13.98
CA ASP B 45 -5.34 -11.82 14.25
C ASP B 45 -5.35 -11.41 15.70
N GLY B 46 -4.57 -10.40 16.03
CA GLY B 46 -4.51 -9.97 17.42
C GLY B 46 -3.08 -9.79 17.85
N PRO B 47 -2.85 -9.35 19.09
CA PRO B 47 -1.52 -9.12 19.64
C PRO B 47 -0.74 -10.41 19.64
N HIS B 48 0.56 -10.29 19.45
CA HIS B 48 1.41 -11.48 19.49
C HIS B 48 1.41 -12.00 20.94
N GLY B 49 1.74 -13.28 21.12
CA GLY B 49 1.84 -13.87 22.44
C GLY B 49 0.58 -14.47 23.04
N MET B 50 -0.46 -14.69 22.24
CA MET B 50 -1.71 -15.26 22.74
C MET B 50 -1.91 -16.74 22.39
N GLY B 51 -1.09 -17.25 21.49
CA GLY B 51 -1.23 -18.64 21.09
C GLY B 51 -2.02 -18.73 19.81
N LYS B 52 -1.98 -17.67 19.01
CA LYS B 52 -2.74 -17.66 17.77
C LYS B 52 -2.24 -18.67 16.76
N THR B 53 -0.92 -18.77 16.57
CA THR B 53 -0.39 -19.70 15.57
C THR B 53 -0.59 -21.18 15.92
N THR B 54 -0.58 -21.49 17.20
CA THR B 54 -0.77 -22.87 17.65
C THR B 54 -2.16 -23.38 17.34
N THR B 55 -3.14 -22.68 17.88
CA THR B 55 -4.50 -23.11 17.68
C THR B 55 -5.01 -23.15 16.27
N THR B 56 -4.48 -22.29 15.39
CA THR B 56 -4.92 -22.35 14.00
C THR B 56 -4.37 -23.64 13.37
N GLN B 57 -3.16 -24.02 13.76
CA GLN B 57 -2.58 -25.25 13.24
C GLN B 57 -3.36 -26.41 13.80
N LEU B 58 -3.71 -26.30 15.06
CA LEU B 58 -4.50 -27.36 15.67
C LEU B 58 -5.75 -27.47 14.84
N LEU B 59 -6.40 -26.35 14.60
CA LEU B 59 -7.64 -26.33 13.82
C LEU B 59 -7.49 -27.01 12.48
N VAL B 60 -6.38 -26.78 11.81
CA VAL B 60 -6.16 -27.36 10.52
C VAL B 60 -5.80 -28.84 10.61
N ALA B 61 -5.32 -29.28 11.76
CA ALA B 61 -4.97 -30.69 11.90
C ALA B 61 -6.20 -31.60 11.89
N LEU B 62 -7.37 -30.98 11.81
CA LEU B 62 -8.68 -31.63 11.77
C LEU B 62 -9.26 -31.67 10.34
N GLY B 63 -10.43 -32.14 10.24
N ASP B 67 -8.78 -29.69 2.00
CA ASP B 67 -10.00 -28.85 1.93
C ASP B 67 -9.97 -27.77 3.00
N ILE B 68 -8.85 -27.70 3.70
CA ILE B 68 -8.63 -26.67 4.70
C ILE B 68 -7.15 -26.43 4.57
N VAL B 69 -6.75 -25.18 4.44
CA VAL B 69 -5.32 -24.89 4.33
C VAL B 69 -4.94 -23.73 5.24
N TYR B 70 -3.71 -23.76 5.72
CA TYR B 70 -3.14 -22.77 6.62
C TYR B 70 -2.18 -21.87 5.84
N VAL B 71 -2.26 -20.57 6.11
CA VAL B 71 -1.35 -19.63 5.52
C VAL B 71 -0.69 -19.00 6.75
N PRO B 72 0.51 -19.50 7.07
CA PRO B 72 1.34 -19.08 8.20
C PRO B 72 1.89 -17.67 8.14
N GLU B 73 2.53 -17.27 9.23
CA GLU B 73 3.19 -15.99 9.24
C GLU B 73 4.35 -16.19 8.32
N PRO B 74 4.69 -15.18 7.53
CA PRO B 74 5.84 -15.37 6.62
C PRO B 74 7.21 -15.08 7.26
N MET B 75 7.55 -15.82 8.32
CA MET B 75 8.82 -15.60 9.01
C MET B 75 10.05 -15.61 8.12
N THR B 76 10.09 -16.51 7.14
CA THR B 76 11.26 -16.56 6.28
C THR B 76 11.40 -15.29 5.48
N TYR B 77 10.27 -14.66 5.17
CA TYR B 77 10.32 -13.38 4.46
C TYR B 77 10.85 -12.31 5.40
N TRP B 78 10.39 -12.35 6.65
CA TRP B 78 10.82 -11.40 7.69
C TRP B 78 12.30 -11.58 8.12
N ARG B 79 12.78 -12.80 8.16
CA ARG B 79 14.16 -13.04 8.60
C ARG B 79 15.19 -13.06 7.53
N VAL B 80 14.78 -13.40 6.31
CA VAL B 80 15.70 -13.56 5.19
C VAL B 80 15.35 -12.96 3.82
N LEU B 81 14.21 -13.33 3.29
CA LEU B 81 13.85 -12.89 1.94
C LEU B 81 13.58 -11.42 1.66
N GLY B 82 12.85 -10.74 2.55
CA GLY B 82 12.55 -9.33 2.33
C GLY B 82 13.65 -8.44 2.86
N ALA B 83 14.22 -8.84 3.97
CA ALA B 83 15.31 -8.11 4.61
C ALA B 83 15.89 -9.10 5.61
N SER B 84 16.93 -8.70 6.31
CA SER B 84 17.52 -9.56 7.29
C SER B 84 17.03 -9.26 8.71
N GLU B 85 16.59 -10.30 9.43
CA GLU B 85 16.10 -10.21 10.80
C GLU B 85 15.25 -8.99 11.06
N THR B 86 14.14 -8.88 10.33
CA THR B 86 13.30 -7.73 10.49
C THR B 86 12.74 -7.60 11.90
N ILE B 87 12.32 -8.72 12.51
CA ILE B 87 11.77 -8.66 13.86
C ILE B 87 12.81 -8.18 14.85
N ALA B 88 14.06 -8.61 14.67
CA ALA B 88 15.16 -8.18 15.53
C ALA B 88 15.36 -6.68 15.34
N ASN B 89 15.31 -6.24 14.09
CA ASN B 89 15.48 -4.82 13.74
C ASN B 89 14.42 -3.97 14.45
N ILE B 90 13.18 -4.42 14.45
CA ILE B 90 12.09 -3.68 15.09
C ILE B 90 12.26 -3.47 16.62
N TYR B 91 12.48 -4.56 17.36
CA TYR B 91 12.61 -4.46 18.81
C TYR B 91 13.88 -3.75 19.30
N THR B 92 14.92 -3.78 18.48
CA THR B 92 16.18 -3.13 18.80
C THR B 92 16.05 -1.62 18.66
N THR B 93 15.42 -1.20 17.55
CA THR B 93 15.17 0.21 17.20
C THR B 93 14.42 0.92 18.32
N GLN B 94 13.31 0.31 18.75
CA GLN B 94 12.49 0.82 19.82
C GLN B 94 13.34 0.95 21.06
N HIS B 95 14.12 -0.08 21.34
CA HIS B 95 14.98 -0.11 22.51
C HIS B 95 16.00 1.03 22.39
N ARG B 96 16.66 1.14 21.25
CA ARG B 96 17.62 2.22 21.05
C ARG B 96 16.91 3.56 21.29
N LEU B 97 15.76 3.75 20.66
CA LEU B 97 14.96 4.95 20.82
C LEU B 97 14.66 5.15 22.30
N ASP B 98 14.11 4.12 22.94
CA ASP B 98 13.77 4.16 24.36
C ASP B 98 15.00 4.54 25.20
N GLN B 99 16.17 4.07 24.77
CA GLN B 99 17.42 4.35 25.47
C GLN B 99 17.99 5.71 25.15
N GLY B 100 17.42 6.37 24.13
CA GLY B 100 17.87 7.69 23.75
C GLY B 100 19.05 7.66 22.82
N GLU B 101 19.40 6.46 22.34
CA GLU B 101 20.54 6.26 21.44
C GLU B 101 20.28 6.73 20.03
N ILE B 102 19.02 6.81 19.64
CA ILE B 102 18.64 7.31 18.33
C ILE B 102 17.47 8.22 18.61
N SER B 103 17.08 8.99 17.61
CA SER B 103 15.99 9.92 17.77
C SER B 103 14.73 9.32 17.22
N ALA B 104 13.63 10.02 17.48
CA ALA B 104 12.29 9.65 17.03
C ALA B 104 12.26 9.61 15.51
N GLY B 105 12.99 10.52 14.88
CA GLY B 105 13.05 10.58 13.44
C GLY B 105 13.79 9.41 12.84
N ASP B 106 14.75 8.85 13.59
CA ASP B 106 15.52 7.71 13.13
C ASP B 106 14.75 6.43 13.30
N ALA B 107 14.02 6.34 14.41
CA ALA B 107 13.22 5.18 14.71
C ALA B 107 12.14 5.09 13.64
N ALA B 108 11.43 6.19 13.40
CA ALA B 108 10.35 6.26 12.39
C ALA B 108 10.77 5.79 11.00
N VAL B 109 11.88 6.35 10.52
CA VAL B 109 12.46 6.00 9.23
C VAL B 109 12.66 4.49 9.17
N VAL B 110 13.24 3.94 10.25
CA VAL B 110 13.48 2.51 10.35
C VAL B 110 12.19 1.68 10.55
N MET B 111 11.29 2.13 11.42
CA MET B 111 10.06 1.41 11.66
C MET B 111 9.15 1.35 10.44
N THR B 112 8.93 2.48 9.78
CA THR B 112 8.09 2.51 8.60
C THR B 112 8.58 1.52 7.55
N SER B 113 9.89 1.54 7.35
CA SER B 113 10.55 0.68 6.38
C SER B 113 10.40 -0.78 6.77
N ALA B 114 10.62 -1.07 8.05
CA ALA B 114 10.49 -2.43 8.55
C ALA B 114 9.03 -2.89 8.43
N GLN B 115 8.07 -2.00 8.70
CA GLN B 115 6.65 -2.33 8.57
C GLN B 115 6.21 -2.68 7.13
N ILE B 116 6.84 -2.04 6.15
CA ILE B 116 6.55 -2.31 4.76
C ILE B 116 7.02 -3.74 4.44
N THR B 117 8.13 -4.15 5.04
CA THR B 117 8.68 -5.50 4.83
C THR B 117 7.77 -6.53 5.49
N MET B 118 7.33 -6.22 6.70
CA MET B 118 6.47 -7.11 7.44
C MET B 118 5.17 -7.40 6.72
N GLY B 119 4.59 -6.38 6.11
CA GLY B 119 3.34 -6.60 5.43
C GLY B 119 3.38 -7.05 4.00
N MET B 120 4.55 -7.09 3.38
CA MET B 120 4.62 -7.47 1.97
C MET B 120 3.95 -8.77 1.55
N PRO B 121 4.21 -9.87 2.27
CA PRO B 121 3.59 -11.14 1.88
C PRO B 121 2.09 -11.13 2.03
N TYR B 122 1.58 -10.34 2.98
CA TYR B 122 0.14 -10.22 3.22
C TYR B 122 -0.51 -9.52 2.06
N ALA B 123 0.10 -8.41 1.64
CA ALA B 123 -0.40 -7.63 0.53
C ALA B 123 -0.34 -8.40 -0.82
N VAL B 124 0.78 -9.05 -1.17
CA VAL B 124 0.79 -9.76 -2.45
C VAL B 124 -0.23 -10.88 -2.49
N THR B 125 -0.33 -11.61 -1.38
CA THR B 125 -1.26 -12.73 -1.23
C THR B 125 -2.70 -12.25 -1.43
N ASP B 126 -3.04 -11.14 -0.77
CA ASP B 126 -4.35 -10.54 -0.90
C ASP B 126 -4.64 -10.11 -2.35
N ALA B 127 -3.69 -9.46 -2.99
CA ALA B 127 -3.88 -8.99 -4.36
C ALA B 127 -3.99 -10.10 -5.39
N VAL B 128 -3.28 -11.19 -5.15
CA VAL B 128 -3.27 -12.33 -6.05
C VAL B 128 -4.48 -13.23 -5.83
N LEU B 129 -5.08 -13.09 -4.66
CA LEU B 129 -6.24 -13.85 -4.28
C LEU B 129 -7.54 -13.17 -4.70
N ALA B 130 -7.54 -11.83 -4.68
CA ALA B 130 -8.73 -11.00 -4.98
C ALA B 130 -9.64 -11.35 -6.16
N PRO B 131 -9.05 -11.61 -7.33
CA PRO B 131 -9.85 -11.94 -8.51
C PRO B 131 -10.60 -13.27 -8.46
N HIS B 132 -10.28 -14.11 -7.49
CA HIS B 132 -10.90 -15.41 -7.31
C HIS B 132 -12.04 -15.36 -6.33
N ILE B 133 -12.08 -14.31 -5.51
CA ILE B 133 -13.14 -14.22 -4.52
C ILE B 133 -14.37 -13.74 -5.23
N GLY B 134 -15.45 -14.50 -5.08
CA GLY B 134 -16.74 -14.19 -5.66
C GLY B 134 -17.68 -13.56 -4.64
N GLY B 135 -18.99 -13.68 -4.81
CA GLY B 135 -19.89 -13.08 -3.84
C GLY B 135 -20.12 -13.93 -2.59
N GLU B 136 -20.58 -13.28 -1.50
CA GLU B 136 -20.84 -14.01 -0.25
C GLU B 136 -21.93 -15.04 -0.54
N ALA B 137 -21.77 -16.22 0.01
CA ALA B 137 -22.73 -17.28 -0.19
C ALA B 137 -23.59 -17.43 1.06
N GLY B 138 -23.02 -17.69 2.15
N PRO B 144 -21.00 -27.73 2.96
CA PRO B 144 -19.87 -27.13 3.76
C PRO B 144 -18.92 -26.49 2.75
N PRO B 145 -17.96 -25.65 3.21
CA PRO B 145 -17.05 -25.01 2.27
C PRO B 145 -16.26 -26.04 1.47
N ALA B 146 -15.94 -25.73 0.21
CA ALA B 146 -15.14 -26.66 -0.62
C ALA B 146 -13.65 -26.55 -0.22
N LEU B 147 -13.29 -25.37 0.30
CA LEU B 147 -11.96 -25.03 0.78
C LEU B 147 -12.11 -24.00 1.91
N THR B 148 -11.31 -24.17 2.95
CA THR B 148 -11.28 -23.27 4.05
C THR B 148 -9.82 -22.87 4.16
N LEU B 149 -9.57 -21.56 4.14
CA LEU B 149 -8.23 -20.98 4.27
C LEU B 149 -8.19 -20.35 5.63
N ILE B 150 -7.23 -20.78 6.44
CA ILE B 150 -7.04 -20.24 7.79
C ILE B 150 -5.77 -19.43 7.71
N PHE B 151 -5.90 -18.12 7.81
CA PHE B 151 -4.74 -17.27 7.72
C PHE B 151 -4.18 -16.89 9.07
N ASP B 152 -2.89 -16.71 9.09
CA ASP B 152 -2.26 -16.25 10.28
C ASP B 152 -2.05 -14.75 9.99
N ARG B 153 -2.96 -13.94 10.53
CA ARG B 153 -2.99 -12.49 10.39
C ARG B 153 -3.55 -12.03 9.04
N HIS B 154 -4.09 -10.83 9.05
CA HIS B 154 -4.71 -10.19 7.89
C HIS B 154 -3.81 -9.01 7.50
N PRO B 155 -3.92 -8.51 6.26
CA PRO B 155 -3.08 -7.37 5.87
C PRO B 155 -3.09 -6.19 6.83
N ILE B 156 -4.20 -5.94 7.50
CA ILE B 156 -4.31 -4.80 8.42
C ILE B 156 -3.41 -4.88 9.63
N ALA B 157 -2.90 -6.06 9.94
CA ALA B 157 -2.02 -6.22 11.08
C ALA B 157 -0.75 -5.42 10.77
N ALA B 158 -0.19 -5.64 9.60
CA ALA B 158 1.02 -4.95 9.16
C ALA B 158 0.79 -3.53 8.61
N LEU B 159 -0.38 -3.29 8.03
CA LEU B 159 -0.72 -1.98 7.48
C LEU B 159 -1.43 -1.01 8.42
N LEU B 160 -1.97 -1.49 9.54
CA LEU B 160 -2.69 -0.62 10.47
C LEU B 160 -2.40 -0.78 11.97
N CYS B 161 -2.52 -2.00 12.47
CA CYS B 161 -2.36 -2.30 13.87
C CYS B 161 -0.97 -2.12 14.46
N TYR B 162 0.04 -2.75 13.88
CA TYR B 162 1.40 -2.56 14.40
C TYR B 162 1.88 -1.13 14.15
N PRO B 163 1.53 -0.52 13.02
CA PRO B 163 1.97 0.86 12.79
C PRO B 163 1.33 1.79 13.81
N ALA B 164 0.04 1.61 14.04
CA ALA B 164 -0.70 2.41 15.02
C ALA B 164 -0.10 2.24 16.41
N ALA B 165 0.28 1.00 16.76
CA ALA B 165 0.88 0.73 18.07
C ALA B 165 2.26 1.37 18.17
N ARG B 166 3.03 1.30 17.07
CA ARG B 166 4.35 1.91 17.01
C ARG B 166 4.24 3.41 17.07
N TYR B 167 3.17 3.95 16.51
CA TYR B 167 2.95 5.40 16.59
C TYR B 167 2.78 5.74 18.10
N LEU B 168 1.97 4.97 18.80
CA LEU B 168 1.75 5.17 20.22
C LEU B 168 3.08 5.05 20.99
N MET B 169 3.97 4.21 20.49
CA MET B 169 5.27 3.98 21.10
C MET B 169 6.27 5.06 20.76
N GLY B 170 5.85 6.00 19.92
CA GLY B 170 6.71 7.09 19.52
C GLY B 170 7.74 6.76 18.45
N SER B 171 7.62 5.62 17.77
CA SER B 171 8.59 5.24 16.74
C SER B 171 8.03 5.30 15.33
N MET B 172 6.90 5.98 15.17
CA MET B 172 6.27 6.17 13.89
C MET B 172 5.42 7.41 14.03
N THR B 173 5.26 8.13 12.95
CA THR B 173 4.47 9.36 12.92
C THR B 173 3.02 9.01 12.58
N PRO B 174 2.04 9.81 13.06
CA PRO B 174 0.67 9.47 12.71
C PRO B 174 0.41 9.63 11.20
N GLN B 175 1.21 10.45 10.53
CA GLN B 175 1.06 10.65 9.09
C GLN B 175 1.45 9.40 8.31
N ALA B 176 2.51 8.72 8.75
CA ALA B 176 2.95 7.49 8.08
C ALA B 176 1.90 6.37 8.28
N VAL B 177 1.32 6.29 9.47
CA VAL B 177 0.26 5.30 9.79
C VAL B 177 -0.90 5.50 8.81
N LEU B 178 -1.34 6.76 8.63
CA LEU B 178 -2.43 7.08 7.72
C LEU B 178 -2.10 6.82 6.24
N ALA B 179 -0.80 6.83 5.94
CA ALA B 179 -0.31 6.53 4.60
C ALA B 179 -0.56 5.02 4.42
N PHE B 180 -0.15 4.23 5.40
CA PHE B 180 -0.37 2.79 5.38
C PHE B 180 -1.86 2.50 5.24
N VAL B 181 -2.68 3.18 6.06
CA VAL B 181 -4.13 3.02 6.02
C VAL B 181 -4.69 3.33 4.63
N ALA B 182 -4.14 4.36 3.97
CA ALA B 182 -4.59 4.73 2.64
C ALA B 182 -4.31 3.61 1.65
N LEU B 183 -3.35 2.75 1.99
CA LEU B 183 -2.96 1.64 1.13
C LEU B 183 -3.55 0.28 1.52
N ILE B 184 -4.40 0.24 2.53
CA ILE B 184 -5.01 -1.01 2.94
C ILE B 184 -5.82 -1.47 1.72
N PRO B 185 -5.62 -2.72 1.27
CA PRO B 185 -6.36 -3.20 0.10
C PRO B 185 -7.86 -3.28 0.27
N PRO B 186 -8.63 -3.10 -0.81
CA PRO B 186 -10.09 -3.16 -0.72
C PRO B 186 -10.53 -4.45 -0.03
N THR B 187 -11.46 -4.35 0.92
CA THR B 187 -11.95 -5.49 1.72
C THR B 187 -12.81 -6.42 0.90
N LEU B 188 -12.30 -7.62 0.72
CA LEU B 188 -12.98 -8.65 -0.03
C LEU B 188 -14.18 -9.17 0.72
N PRO B 189 -15.17 -9.64 -0.02
CA PRO B 189 -16.39 -10.20 0.55
C PRO B 189 -16.01 -11.39 1.44
N GLY B 190 -16.70 -11.58 2.54
CA GLY B 190 -16.40 -12.71 3.39
C GLY B 190 -15.08 -12.61 4.13
N THR B 191 -14.72 -11.40 4.54
CA THR B 191 -13.49 -11.21 5.29
C THR B 191 -13.86 -11.39 6.74
N ASN B 192 -13.60 -12.58 7.24
CA ASN B 192 -13.90 -12.95 8.63
C ASN B 192 -12.65 -12.76 9.45
N ILE B 193 -12.67 -11.93 10.49
CA ILE B 193 -11.48 -11.74 11.34
C ILE B 193 -11.76 -12.24 12.75
N VAL B 194 -10.91 -13.14 13.23
CA VAL B 194 -11.03 -13.63 14.58
C VAL B 194 -9.94 -12.93 15.39
N LEU B 195 -10.32 -12.07 16.32
CA LEU B 195 -9.37 -11.37 17.18
C LEU B 195 -9.30 -12.07 18.53
N GLY B 196 -8.15 -12.09 19.18
CA GLY B 196 -8.03 -12.78 20.44
C GLY B 196 -8.16 -11.96 21.71
N ALA B 197 -8.74 -12.57 22.75
CA ALA B 197 -8.88 -11.94 24.08
C ALA B 197 -8.08 -12.81 25.08
N LEU B 198 -7.43 -12.17 26.04
CA LEU B 198 -6.61 -12.85 27.01
C LEU B 198 -6.24 -11.84 28.08
N PRO B 199 -6.60 -12.11 29.35
CA PRO B 199 -6.26 -11.16 30.41
C PRO B 199 -4.79 -10.73 30.32
N GLU B 200 -4.53 -9.47 30.60
CA GLU B 200 -3.17 -8.98 30.48
C GLU B 200 -2.11 -9.70 31.30
N ASP B 201 -2.37 -9.97 32.57
CA ASP B 201 -1.39 -10.66 33.42
C ASP B 201 -1.03 -12.01 32.80
N ARG B 202 -2.06 -12.70 32.31
CA ARG B 202 -1.94 -14.00 31.66
C ARG B 202 -1.13 -13.81 30.37
N HIS B 203 -1.36 -12.69 29.69
CA HIS B 203 -0.65 -12.35 28.44
C HIS B 203 0.81 -12.04 28.72
N ILE B 204 1.07 -11.28 29.78
CA ILE B 204 2.45 -10.93 30.19
C ILE B 204 3.26 -12.19 30.44
N ASP B 205 2.68 -13.15 31.14
CA ASP B 205 3.37 -14.41 31.44
C ASP B 205 3.64 -15.15 30.15
N ARG B 206 2.64 -15.21 29.29
CA ARG B 206 2.81 -15.89 28.00
C ARG B 206 3.85 -15.16 27.21
N LEU B 207 3.75 -13.84 27.18
CA LEU B 207 4.69 -13.06 26.40
C LEU B 207 6.13 -13.38 26.75
N ALA B 208 6.44 -13.55 28.04
CA ALA B 208 7.81 -13.87 28.44
C ALA B 208 8.21 -15.16 27.74
N LYS B 209 7.19 -15.99 27.49
CA LYS B 209 7.30 -17.32 26.85
C LYS B 209 7.41 -17.32 25.34
N ARG B 210 6.36 -16.85 24.69
CA ARG B 210 6.24 -16.82 23.22
C ARG B 210 7.02 -15.73 22.46
N GLN B 211 8.31 -15.56 22.78
CA GLN B 211 9.18 -14.58 22.12
C GLN B 211 9.65 -15.08 20.76
N ARG B 212 9.97 -14.12 19.91
CA ARG B 212 10.45 -14.38 18.54
C ARG B 212 11.99 -14.20 18.57
N PRO B 213 12.69 -14.64 17.50
CA PRO B 213 14.15 -14.46 17.53
C PRO B 213 14.34 -12.99 17.21
N GLY B 214 14.91 -12.25 18.17
CA GLY B 214 15.14 -10.82 18.01
C GLY B 214 14.10 -10.01 18.76
N GLU B 215 13.08 -10.68 19.25
CA GLU B 215 12.03 -10.01 19.97
C GLU B 215 12.50 -9.70 21.39
N ARG B 216 12.10 -8.55 21.91
CA ARG B 216 12.45 -8.16 23.27
C ARG B 216 11.16 -7.99 24.03
N LEU B 217 11.21 -8.35 25.31
CA LEU B 217 10.04 -8.22 26.17
C LEU B 217 9.79 -6.75 26.43
N ASP B 218 8.78 -6.22 25.74
CA ASP B 218 8.40 -4.83 25.91
C ASP B 218 6.94 -4.84 26.29
N LEU B 219 6.66 -4.54 27.56
CA LEU B 219 5.31 -4.50 28.09
C LEU B 219 4.57 -3.25 27.63
N ALA B 220 5.31 -2.17 27.43
CA ALA B 220 4.70 -0.94 26.97
C ALA B 220 4.13 -1.17 25.57
N MET B 221 4.80 -2.02 24.80
CA MET B 221 4.39 -2.34 23.44
C MET B 221 3.26 -3.35 23.47
N LEU B 222 3.33 -4.30 24.41
CA LEU B 222 2.29 -5.30 24.56
C LEU B 222 1.00 -4.52 24.86
N ALA B 223 1.08 -3.51 25.73
CA ALA B 223 -0.09 -2.71 26.10
C ALA B 223 -0.64 -1.89 24.95
N ALA B 224 0.28 -1.33 24.14
CA ALA B 224 -0.09 -0.52 22.97
C ALA B 224 -0.79 -1.35 21.92
N ILE B 225 -0.23 -2.53 21.63
CA ILE B 225 -0.81 -3.41 20.63
C ILE B 225 -2.12 -4.03 21.13
N ARG B 226 -2.20 -4.30 22.43
CA ARG B 226 -3.41 -4.86 23.02
C ARG B 226 -4.48 -3.80 22.89
N ARG B 227 -4.11 -2.55 23.18
CA ARG B 227 -5.06 -1.45 23.07
C ARG B 227 -5.49 -1.21 21.63
N VAL B 228 -4.53 -1.15 20.71
CA VAL B 228 -4.86 -0.94 19.31
C VAL B 228 -5.88 -1.98 18.80
N TYR B 229 -5.65 -3.25 19.08
CA TYR B 229 -6.59 -4.30 18.65
C TYR B 229 -7.95 -4.20 19.35
N GLY B 230 -7.94 -3.63 20.56
CA GLY B 230 -9.17 -3.43 21.29
C GLY B 230 -9.97 -2.35 20.58
N LEU B 231 -9.28 -1.32 20.13
CA LEU B 231 -9.90 -0.21 19.42
C LEU B 231 -10.42 -0.72 18.08
N LEU B 232 -9.67 -1.65 17.46
CA LEU B 232 -10.07 -2.22 16.19
C LEU B 232 -11.42 -2.92 16.27
N ALA B 233 -11.57 -3.79 17.25
CA ALA B 233 -12.84 -4.50 17.37
C ALA B 233 -14.01 -3.51 17.55
N ASN B 234 -13.80 -2.47 18.33
CA ASN B 234 -14.82 -1.44 18.63
C ASN B 234 -15.18 -0.65 17.40
N THR B 235 -14.19 -0.32 16.59
CA THR B 235 -14.37 0.45 15.37
C THR B 235 -15.29 -0.26 14.40
N VAL B 236 -15.08 -1.56 14.27
CA VAL B 236 -15.91 -2.38 13.40
C VAL B 236 -17.35 -2.32 13.92
N ARG B 237 -17.56 -2.54 15.22
CA ARG B 237 -18.91 -2.51 15.82
C ARG B 237 -19.49 -1.12 15.63
N TYR B 238 -18.70 -0.10 15.96
CA TYR B 238 -19.11 1.29 15.82
C TYR B 238 -19.58 1.52 14.40
N LEU B 239 -18.78 1.13 13.41
CA LEU B 239 -19.16 1.35 12.02
C LEU B 239 -20.38 0.58 11.58
N GLN B 240 -20.48 -0.64 12.07
CA GLN B 240 -21.60 -1.48 11.73
C GLN B 240 -22.88 -1.05 12.50
N CYS B 241 -22.74 -0.35 13.62
CA CYS B 241 -23.89 0.14 14.36
C CYS B 241 -24.37 1.48 13.81
N GLY B 242 -23.79 1.94 12.72
CA GLY B 242 -24.19 3.21 12.13
C GLY B 242 -23.30 4.42 12.38
N GLY B 243 -22.24 4.24 13.18
CA GLY B 243 -21.34 5.35 13.49
C GLY B 243 -20.70 5.99 12.29
N SER B 244 -20.56 7.30 12.36
CA SER B 244 -19.92 8.11 11.31
C SER B 244 -18.91 8.93 12.08
N TRP B 245 -17.62 8.73 11.80
CA TRP B 245 -16.58 9.46 12.53
C TRP B 245 -16.65 10.97 12.37
N ARG B 246 -17.04 11.45 11.20
CA ARG B 246 -17.15 12.87 10.89
C ARG B 246 -18.24 13.55 11.73
N GLU B 247 -19.33 12.82 11.97
CA GLU B 247 -20.46 13.31 12.74
C GLU B 247 -20.09 13.38 14.23
N ASP B 248 -19.26 12.45 14.70
CA ASP B 248 -18.89 12.41 16.10
C ASP B 248 -17.50 12.94 16.41
N TRP B 249 -16.76 13.34 15.39
CA TRP B 249 -15.41 13.83 15.61
C TRP B 249 -15.32 14.78 16.77
N GLY B 250 -16.32 15.62 16.93
CA GLY B 250 -16.27 16.60 18.01
C GLY B 250 -16.42 16.03 19.39
N GLN B 251 -16.85 14.78 19.49
CA GLN B 251 -17.05 14.14 20.77
C GLN B 251 -15.75 13.69 21.41
N LEU B 252 -14.64 13.81 20.67
CA LEU B 252 -13.30 13.42 21.16
C LEU B 252 -12.67 14.51 22.03
N SER B 253 -12.46 15.63 21.50
N ALA B 268 -20.71 -7.63 19.01
CA ALA B 268 -22.10 -7.53 19.55
C ALA B 268 -22.18 -6.29 20.44
N GLY B 269 -23.33 -6.08 21.08
CA GLY B 269 -23.45 -4.94 21.97
C GLY B 269 -23.96 -3.66 21.33
N PRO B 270 -23.95 -2.55 22.07
CA PRO B 270 -24.42 -1.29 21.52
C PRO B 270 -23.27 -0.59 20.84
N ARG B 271 -23.59 0.46 20.10
CA ARG B 271 -22.57 1.24 19.43
C ARG B 271 -21.59 1.88 20.43
N PRO B 272 -20.26 1.70 20.20
CA PRO B 272 -19.20 2.25 21.06
C PRO B 272 -19.01 3.77 20.84
N HIS B 273 -18.41 4.42 21.82
CA HIS B 273 -18.13 5.84 21.74
C HIS B 273 -16.90 6.01 20.82
N ILE B 274 -16.94 6.96 19.90
CA ILE B 274 -15.81 7.20 18.99
C ILE B 274 -14.47 7.21 19.70
N GLY B 275 -14.44 7.71 20.93
CA GLY B 275 -13.22 7.73 21.70
C GLY B 275 -12.74 6.34 22.10
N ASP B 276 -13.58 5.32 21.85
CA ASP B 276 -13.21 3.94 22.15
C ASP B 276 -12.94 3.17 20.84
N THR B 277 -12.74 3.90 19.75
CA THR B 277 -12.46 3.33 18.45
C THR B 277 -11.07 3.84 17.98
N LEU B 278 -10.58 3.37 16.83
CA LEU B 278 -9.27 3.81 16.29
C LEU B 278 -9.22 5.28 15.90
N PHE B 279 -10.38 5.81 15.51
CA PHE B 279 -10.45 7.21 15.11
C PHE B 279 -9.84 8.11 16.17
N THR B 280 -9.90 7.70 17.43
CA THR B 280 -9.38 8.55 18.50
C THR B 280 -7.87 8.72 18.49
N LEU B 281 -7.15 7.83 17.80
CA LEU B 281 -5.69 7.89 17.78
C LEU B 281 -5.21 9.04 16.93
N PHE B 282 -6.07 9.48 16.02
CA PHE B 282 -5.73 10.51 15.09
C PHE B 282 -6.08 11.93 15.46
N ARG B 283 -6.12 12.17 16.76
CA ARG B 283 -6.40 13.49 17.32
C ARG B 283 -5.04 14.10 17.62
N ALA B 284 -4.08 13.92 16.73
CA ALA B 284 -2.75 14.44 16.96
C ALA B 284 -2.55 15.83 16.38
N PRO B 285 -1.78 16.70 17.06
CA PRO B 285 -1.51 18.07 16.61
C PRO B 285 -0.90 18.14 15.21
N GLU B 286 -0.16 17.12 14.84
CA GLU B 286 0.48 17.04 13.54
C GLU B 286 -0.53 17.00 12.42
N LEU B 287 -1.67 16.38 12.66
CA LEU B 287 -2.68 16.23 11.63
C LEU B 287 -3.74 17.33 11.64
N LEU B 288 -3.61 18.26 12.58
CA LEU B 288 -4.56 19.36 12.72
C LEU B 288 -4.11 20.67 12.09
N ALA B 289 -5.06 21.30 11.41
CA ALA B 289 -4.86 22.55 10.73
C ALA B 289 -4.86 23.68 11.78
N PRO B 290 -4.35 24.88 11.41
CA PRO B 290 -4.32 25.99 12.35
C PRO B 290 -5.75 26.28 12.87
N ASN B 291 -6.76 25.98 12.06
CA ASN B 291 -8.16 26.16 12.44
C ASN B 291 -8.72 25.06 13.38
N GLY B 292 -7.86 24.12 13.82
CA GLY B 292 -8.27 23.04 14.71
C GLY B 292 -8.80 21.75 14.10
N ASP B 293 -9.22 21.79 12.85
CA ASP B 293 -9.76 20.60 12.18
C ASP B 293 -8.69 19.71 11.53
N LEU B 294 -9.07 18.49 11.18
CA LEU B 294 -8.14 17.59 10.53
C LEU B 294 -7.90 18.10 9.12
N TYR B 295 -6.66 18.04 8.67
CA TYR B 295 -6.43 18.42 7.28
C TYR B 295 -7.26 17.39 6.49
N ASN B 296 -7.76 17.80 5.35
CA ASN B 296 -8.55 16.93 4.50
C ASN B 296 -7.83 15.66 4.07
N VAL B 297 -6.52 15.71 3.78
CA VAL B 297 -5.77 14.50 3.41
C VAL B 297 -5.95 13.42 4.47
N PHE B 298 -5.82 13.83 5.72
CA PHE B 298 -5.92 12.93 6.86
C PHE B 298 -7.36 12.51 7.06
N ALA B 299 -8.28 13.44 6.82
CA ALA B 299 -9.71 13.14 6.94
C ALA B 299 -10.08 12.10 5.91
N TRP B 300 -9.57 12.24 4.69
CA TRP B 300 -9.84 11.29 3.62
C TRP B 300 -9.30 9.91 3.97
N ALA B 301 -8.16 9.87 4.66
CA ALA B 301 -7.59 8.59 5.06
C ALA B 301 -8.50 7.91 6.11
N LEU B 302 -9.18 8.70 6.95
CA LEU B 302 -10.07 8.13 7.96
C LEU B 302 -11.31 7.56 7.27
N ASP B 303 -11.68 8.17 6.14
CA ASP B 303 -12.80 7.71 5.34
C ASP B 303 -12.50 6.31 4.76
N VAL B 304 -11.25 6.10 4.33
CA VAL B 304 -10.83 4.81 3.78
C VAL B 304 -10.83 3.76 4.89
N LEU B 305 -10.31 4.14 6.05
CA LEU B 305 -10.28 3.26 7.21
C LEU B 305 -11.68 2.77 7.54
N ALA B 306 -12.63 3.70 7.60
CA ALA B 306 -14.01 3.31 7.89
C ALA B 306 -14.54 2.44 6.77
N LYS B 307 -14.20 2.78 5.53
CA LYS B 307 -14.66 1.98 4.40
C LYS B 307 -14.12 0.56 4.43
N ARG B 308 -12.83 0.41 4.76
CA ARG B 308 -12.23 -0.93 4.80
C ARG B 308 -12.78 -1.82 5.94
N LEU B 309 -12.88 -1.28 7.15
CA LEU B 309 -13.36 -2.05 8.27
C LEU B 309 -14.86 -2.36 8.33
N ARG B 310 -15.70 -1.54 7.70
CA ARG B 310 -17.16 -1.75 7.79
C ARG B 310 -17.70 -3.03 7.20
N SER B 311 -16.96 -3.64 6.28
CA SER B 311 -17.43 -4.87 5.65
C SER B 311 -16.83 -6.15 6.22
N MET B 312 -15.92 -6.01 7.17
CA MET B 312 -15.26 -7.15 7.80
C MET B 312 -16.19 -7.82 8.80
N HIS B 313 -16.03 -9.12 8.97
CA HIS B 313 -16.88 -9.84 9.90
C HIS B 313 -15.94 -10.24 11.03
N VAL B 314 -16.04 -9.51 12.14
CA VAL B 314 -15.15 -9.69 13.28
C VAL B 314 -15.70 -10.60 14.39
N PHE B 315 -14.87 -11.55 14.83
CA PHE B 315 -15.22 -12.51 15.90
C PHE B 315 -14.11 -12.46 16.92
N ILE B 316 -14.48 -12.69 18.19
CA ILE B 316 -13.50 -12.66 19.28
C ILE B 316 -13.31 -14.06 19.83
N LEU B 317 -12.08 -14.48 20.06
CA LEU B 317 -11.80 -15.81 20.58
C LEU B 317 -11.09 -15.68 21.90
N ASP B 318 -11.55 -16.43 22.89
CA ASP B 318 -10.96 -16.44 24.22
C ASP B 318 -9.77 -17.37 24.24
N TYR B 319 -8.60 -16.79 24.43
CA TYR B 319 -7.36 -17.54 24.48
C TYR B 319 -6.99 -17.94 25.89
N ASP B 320 -7.81 -17.55 26.85
CA ASP B 320 -7.53 -17.90 28.22
C ASP B 320 -8.07 -19.30 28.48
N GLN B 321 -7.55 -20.25 27.71
CA GLN B 321 -7.91 -21.66 27.81
C GLN B 321 -6.83 -22.51 27.15
N SER B 322 -6.97 -23.83 27.25
CA SER B 322 -5.99 -24.76 26.72
C SER B 322 -5.97 -24.67 25.22
N PRO B 323 -4.89 -25.15 24.59
CA PRO B 323 -4.72 -25.16 23.14
C PRO B 323 -5.87 -25.87 22.42
N ALA B 324 -6.26 -27.06 22.90
CA ALA B 324 -7.38 -27.78 22.29
C ALA B 324 -8.67 -27.00 22.59
N GLY B 325 -8.70 -26.31 23.73
CA GLY B 325 -9.84 -25.49 24.10
C GLY B 325 -10.01 -24.40 23.07
N CYS B 326 -8.96 -23.62 22.82
CA CYS B 326 -9.01 -22.54 21.81
C CYS B 326 -9.38 -23.04 20.41
N ARG B 327 -8.92 -24.25 20.10
CA ARG B 327 -9.17 -24.91 18.82
C ARG B 327 -10.65 -25.21 18.67
N ASP B 328 -11.25 -25.82 19.69
CA ASP B 328 -12.67 -26.19 19.64
C ASP B 328 -13.57 -24.95 19.69
N ALA B 329 -13.14 -23.95 20.45
CA ALA B 329 -13.80 -22.66 20.58
C ALA B 329 -13.78 -21.94 19.22
N LEU B 330 -12.65 -22.06 18.49
CA LEU B 330 -12.50 -21.45 17.18
C LEU B 330 -13.28 -22.28 16.17
N LEU B 331 -13.24 -23.60 16.35
CA LEU B 331 -13.97 -24.52 15.48
C LEU B 331 -15.45 -24.15 15.57
N GLN B 332 -15.89 -23.72 16.76
CA GLN B 332 -17.29 -23.33 16.95
C GLN B 332 -17.61 -21.93 16.38
N LEU B 333 -16.67 -20.99 16.50
CA LEU B 333 -16.88 -19.64 15.95
C LEU B 333 -17.06 -19.69 14.44
N THR B 334 -16.28 -20.57 13.82
CA THR B 334 -16.21 -20.78 12.37
C THR B 334 -17.50 -21.09 11.61
N SER B 335 -18.56 -21.51 12.31
CA SER B 335 -19.83 -21.81 11.62
C SER B 335 -20.67 -20.57 11.30
N GLY B 336 -20.73 -19.62 12.22
CA GLY B 336 -21.49 -18.41 11.95
C GLY B 336 -20.71 -17.47 11.04
N MET B 337 -19.77 -18.04 10.26
CA MET B 337 -18.92 -17.29 9.35
C MET B 337 -19.31 -17.34 7.88
N VAL B 338 -19.16 -16.19 7.24
CA VAL B 338 -19.48 -15.97 5.85
C VAL B 338 -18.55 -16.63 4.86
N GLN B 339 -19.10 -17.42 3.97
CA GLN B 339 -18.31 -18.06 2.92
C GLN B 339 -18.59 -17.22 1.68
N THR B 340 -17.94 -17.55 0.59
CA THR B 340 -18.16 -16.82 -0.65
C THR B 340 -17.96 -17.83 -1.75
N HIS B 341 -18.40 -17.47 -2.95
CA HIS B 341 -18.18 -18.35 -4.07
C HIS B 341 -16.84 -17.96 -4.64
N VAL B 342 -16.35 -18.78 -5.58
CA VAL B 342 -15.12 -18.50 -6.29
C VAL B 342 -15.49 -18.06 -7.70
N THR B 343 -14.60 -17.31 -8.31
CA THR B 343 -14.81 -16.76 -9.62
C THR B 343 -14.68 -17.71 -10.81
N THR B 344 -14.07 -18.85 -10.58
CA THR B 344 -13.88 -19.82 -11.64
C THR B 344 -14.01 -21.13 -10.89
N PRO B 345 -14.45 -22.19 -11.57
CA PRO B 345 -14.57 -23.47 -10.87
C PRO B 345 -13.19 -23.91 -10.37
N GLY B 346 -12.17 -23.71 -11.23
CA GLY B 346 -10.78 -24.02 -10.91
C GLY B 346 -10.04 -23.01 -10.00
N SER B 347 -10.78 -22.09 -9.37
CA SER B 347 -10.16 -21.13 -8.46
C SER B 347 -9.70 -21.87 -7.22
N ILE B 348 -10.47 -22.87 -6.80
CA ILE B 348 -10.20 -23.67 -5.60
C ILE B 348 -8.78 -24.31 -5.55
N PRO B 349 -8.39 -25.08 -6.60
CA PRO B 349 -7.06 -25.70 -6.59
C PRO B 349 -6.00 -24.62 -6.69
N THR B 350 -6.32 -23.57 -7.46
CA THR B 350 -5.42 -22.44 -7.62
C THR B 350 -5.18 -21.80 -6.25
N ILE B 351 -6.26 -21.49 -5.55
CA ILE B 351 -6.18 -20.88 -4.25
C ILE B 351 -5.46 -21.86 -3.35
N CYS B 352 -5.84 -23.12 -3.44
CA CYS B 352 -5.21 -24.11 -2.60
C CYS B 352 -3.70 -24.13 -2.80
N ASP B 353 -3.27 -24.03 -4.04
CA ASP B 353 -1.85 -24.08 -4.30
C ASP B 353 -1.09 -22.83 -3.94
N LEU B 354 -1.76 -21.68 -3.95
CA LEU B 354 -1.17 -20.41 -3.55
C LEU B 354 -0.78 -20.54 -2.07
N ALA B 355 -1.76 -20.96 -1.26
CA ALA B 355 -1.60 -21.14 0.17
C ALA B 355 -0.49 -22.10 0.48
N ARG B 356 -0.45 -23.21 -0.23
CA ARG B 356 0.59 -24.20 0.00
C ARG B 356 1.97 -23.69 -0.39
N THR B 357 2.07 -22.95 -1.48
CA THR B 357 3.35 -22.39 -1.90
C THR B 357 3.79 -21.33 -0.91
N PHE B 358 2.84 -20.50 -0.47
CA PHE B 358 3.15 -19.48 0.50
C PHE B 358 3.73 -20.17 1.70
N ALA B 359 2.99 -21.15 2.22
CA ALA B 359 3.40 -21.91 3.41
C ALA B 359 4.82 -22.46 3.28
N ARG B 360 5.03 -23.27 2.24
CA ARG B 360 6.30 -23.89 1.92
C ARG B 360 7.48 -22.89 1.76
N GLU B 361 7.23 -21.72 1.17
CA GLU B 361 8.32 -20.76 0.97
C GLU B 361 8.59 -19.81 2.13
N MET B 362 7.53 -19.30 2.76
CA MET B 362 7.70 -18.33 3.84
C MET B 362 7.40 -18.78 5.24
N GLY B 363 6.75 -19.92 5.39
CA GLY B 363 6.49 -20.43 6.72
C GLY B 363 7.81 -20.82 7.39
N GLU B 364 7.88 -20.63 8.72
CA GLU B 364 9.06 -20.91 9.53
C GLU B 364 8.89 -20.26 10.93
N ALA B 365 8.05 -19.33 11.07
#